data_7EBO
#
_entry.id   7EBO
#
_cell.length_a   54.891
_cell.length_b   74.339
_cell.length_c   110.726
_cell.angle_alpha   90.000
_cell.angle_beta   90.000
_cell.angle_gamma   90.000
#
_symmetry.space_group_name_H-M   'P 21 21 21'
#
loop_
_entity.id
_entity.type
_entity.pdbx_description
1 polymer Carboxylesterase
2 non-polymer 'SULFATE ION'
3 water water
#
_entity_poly.entity_id   1
_entity_poly.type   'polypeptide(L)'
_entity_poly.pdbx_seq_one_letter_code
;MMLKQPEPFFFEHGQHAVILLHAYAGSANDVRMLARALEREDYTVYGPQFSGHATDDPRDILAQTPAQWWQDTQQAISFM
RQKGYTKISIFGLSLGGIFATAALERDPQLLGGGTFSSPLFAGNRSDVAEMFITLSHHQLAHSQFSIAEREQILMTLPEL
VQRQLQAVNTFTTTEVTSHLSAVTQPFFIGQGGQDELIDATVARQLRDQLPQVPVDFHWYADAGHVITVNSAHHQLEQDV
LTYLKTIYK
;
_entity_poly.pdbx_strand_id   A,B
#
# COMPACT_ATOMS: atom_id res chain seq x y z
N GLU A 7 -10.72 -11.22 10.56
CA GLU A 7 -11.38 -12.51 10.66
C GLU A 7 -12.05 -12.89 9.36
N PRO A 8 -12.15 -14.18 9.07
CA PRO A 8 -12.91 -14.63 7.90
C PRO A 8 -14.40 -14.38 8.09
N PHE A 9 -15.12 -14.31 6.98
CA PHE A 9 -16.55 -14.05 6.98
C PHE A 9 -17.28 -15.11 6.17
N PHE A 10 -18.54 -15.35 6.53
CA PHE A 10 -19.40 -16.29 5.83
C PHE A 10 -20.82 -15.71 5.82
N PHE A 11 -21.27 -15.24 4.65
CA PHE A 11 -22.61 -14.66 4.51
C PHE A 11 -23.51 -15.68 3.80
N GLU A 12 -24.50 -16.21 4.53
CA GLU A 12 -25.37 -17.26 4.05
C GLU A 12 -26.67 -16.67 3.53
N HIS A 13 -26.96 -16.86 2.24
CA HIS A 13 -28.20 -16.34 1.69
C HIS A 13 -28.88 -17.33 0.76
N GLY A 14 -28.41 -17.43 -0.49
CA GLY A 14 -29.07 -18.22 -1.50
C GLY A 14 -28.20 -19.34 -2.03
N GLN A 15 -28.80 -20.15 -2.90
CA GLN A 15 -28.11 -21.34 -3.38
C GLN A 15 -26.85 -21.01 -4.15
N HIS A 16 -26.78 -19.82 -4.76
CA HIS A 16 -25.59 -19.39 -5.48
C HIS A 16 -24.55 -18.93 -4.47
N ALA A 17 -23.45 -19.69 -4.37
CA ALA A 17 -22.41 -19.47 -3.40
C ALA A 17 -21.16 -18.94 -4.10
N VAL A 18 -20.51 -17.95 -3.51
CA VAL A 18 -19.32 -17.34 -4.10
C VAL A 18 -18.20 -17.38 -3.08
N ILE A 19 -17.02 -17.84 -3.50
CA ILE A 19 -15.83 -17.86 -2.67
C ILE A 19 -14.88 -16.77 -3.15
N LEU A 20 -14.45 -15.91 -2.23
CA LEU A 20 -13.57 -14.78 -2.55
C LEU A 20 -12.27 -14.91 -1.78
N LEU A 21 -11.16 -14.96 -2.51
CA LEU A 21 -9.82 -15.10 -1.94
C LEU A 21 -9.09 -13.76 -1.98
N HIS A 22 -8.27 -13.50 -0.96
CA HIS A 22 -7.64 -12.20 -0.78
C HIS A 22 -6.19 -12.21 -1.26
N ALA A 23 -5.54 -11.06 -1.14
CA ALA A 23 -4.21 -10.83 -1.70
C ALA A 23 -3.11 -11.30 -0.74
N TYR A 24 -1.90 -11.38 -1.29
CA TYR A 24 -0.71 -11.68 -0.50
C TYR A 24 -0.51 -10.61 0.57
N ALA A 25 -0.31 -11.05 1.81
CA ALA A 25 -0.16 -10.18 2.98
C ALA A 25 -1.41 -9.36 3.26
N GLY A 26 -2.54 -9.73 2.66
CA GLY A 26 -3.82 -9.11 2.92
C GLY A 26 -4.65 -9.90 3.91
N SER A 27 -5.97 -9.81 3.76
CA SER A 27 -6.90 -10.51 4.64
C SER A 27 -8.27 -10.52 3.97
N ALA A 28 -9.22 -11.20 4.61
CA ALA A 28 -10.59 -11.25 4.10
C ALA A 28 -11.19 -9.86 3.95
N ASN A 29 -10.61 -8.85 4.61
CA ASN A 29 -11.06 -7.49 4.42
C ASN A 29 -10.75 -6.97 3.02
N ASP A 30 -9.87 -7.65 2.28
CA ASP A 30 -9.58 -7.26 0.90
C ASP A 30 -10.81 -7.33 0.01
N VAL A 31 -11.74 -8.22 0.34
CA VAL A 31 -12.87 -8.57 -0.52
C VAL A 31 -14.19 -8.42 0.20
N ARG A 32 -14.19 -7.78 1.38
CA ARG A 32 -15.42 -7.70 2.15
C ARG A 32 -16.43 -6.77 1.49
N MET A 33 -15.98 -5.64 0.96
CA MET A 33 -16.89 -4.71 0.28
C MET A 33 -17.49 -5.35 -0.96
N LEU A 34 -16.67 -6.07 -1.74
CA LEU A 34 -17.19 -6.85 -2.86
C LEU A 34 -18.20 -7.88 -2.35
N ALA A 35 -17.90 -8.52 -1.22
CA ALA A 35 -18.82 -9.48 -0.63
C ALA A 35 -20.17 -8.86 -0.31
N ARG A 36 -20.16 -7.62 0.20
CA ARG A 36 -21.42 -6.94 0.49
C ARG A 36 -22.22 -6.66 -0.78
N ALA A 37 -21.54 -6.30 -1.87
CA ALA A 37 -22.26 -6.05 -3.11
C ALA A 37 -22.93 -7.32 -3.63
N LEU A 38 -22.28 -8.47 -3.44
CA LEU A 38 -22.91 -9.73 -3.82
C LEU A 38 -23.99 -10.13 -2.82
N GLU A 39 -23.77 -9.82 -1.53
CA GLU A 39 -24.77 -10.13 -0.51
C GLU A 39 -26.07 -9.39 -0.78
N ARG A 40 -25.98 -8.14 -1.21
CA ARG A 40 -27.18 -7.35 -1.48
C ARG A 40 -28.03 -7.99 -2.59
N GLU A 41 -27.38 -8.69 -3.52
CA GLU A 41 -28.08 -9.43 -4.57
C GLU A 41 -28.35 -10.88 -4.19
N ASP A 42 -28.29 -11.20 -2.89
CA ASP A 42 -28.72 -12.47 -2.32
C ASP A 42 -27.76 -13.61 -2.61
N TYR A 43 -26.52 -13.33 -2.98
CA TYR A 43 -25.54 -14.40 -3.16
C TYR A 43 -24.99 -14.84 -1.81
N THR A 44 -24.80 -16.14 -1.65
CA THR A 44 -24.01 -16.64 -0.55
C THR A 44 -22.54 -16.41 -0.89
N VAL A 45 -21.80 -15.82 0.05
CA VAL A 45 -20.42 -15.45 -0.21
C VAL A 45 -19.57 -15.84 0.99
N TYR A 46 -18.40 -16.41 0.71
CA TYR A 46 -17.48 -16.93 1.73
C TYR A 46 -16.10 -16.37 1.49
N GLY A 47 -15.50 -15.83 2.54
CA GLY A 47 -14.18 -15.23 2.42
C GLY A 47 -13.17 -15.84 3.38
N PRO A 48 -12.47 -16.87 2.92
CA PRO A 48 -11.49 -17.53 3.78
C PRO A 48 -10.20 -16.72 3.85
N GLN A 49 -9.41 -17.02 4.88
CA GLN A 49 -8.12 -16.36 5.08
C GLN A 49 -7.00 -17.37 4.93
N PHE A 50 -5.95 -16.98 4.20
CA PHE A 50 -4.83 -17.87 3.94
C PHE A 50 -4.03 -18.10 5.23
N SER A 51 -3.38 -19.26 5.30
CA SER A 51 -2.57 -19.56 6.47
C SER A 51 -1.48 -18.52 6.65
N GLY A 52 -1.20 -18.18 7.91
CA GLY A 52 -0.19 -17.21 8.25
C GLY A 52 -0.63 -15.76 8.13
N HIS A 53 -1.78 -15.48 7.53
CA HIS A 53 -2.23 -14.11 7.30
C HIS A 53 -3.11 -13.63 8.45
N ALA A 54 -3.25 -12.31 8.53
CA ALA A 54 -4.13 -11.64 9.50
C ALA A 54 -3.71 -11.93 10.94
N THR A 55 -2.41 -11.84 11.20
CA THR A 55 -1.87 -11.91 12.56
C THR A 55 -1.10 -10.63 12.82
N ASP A 56 -0.52 -10.53 14.02
CA ASP A 56 0.30 -9.37 14.34
C ASP A 56 1.69 -9.45 13.70
N ASP A 57 2.10 -10.65 13.25
CA ASP A 57 3.47 -10.90 12.86
C ASP A 57 3.56 -11.15 11.36
N PRO A 58 4.27 -10.31 10.60
CA PRO A 58 4.44 -10.59 9.17
C PRO A 58 5.23 -11.86 8.90
N ARG A 59 6.05 -12.32 9.86
CA ARG A 59 6.78 -13.57 9.68
C ARG A 59 5.87 -14.78 9.64
N ASP A 60 4.66 -14.68 10.20
CA ASP A 60 3.72 -15.78 10.10
C ASP A 60 3.38 -16.09 8.66
N ILE A 61 3.31 -15.06 7.80
CA ILE A 61 3.08 -15.29 6.38
C ILE A 61 4.27 -16.02 5.76
N LEU A 62 5.49 -15.59 6.11
CA LEU A 62 6.69 -16.18 5.53
C LEU A 62 6.92 -17.61 6.00
N ALA A 63 6.33 -18.00 7.13
CA ALA A 63 6.46 -19.38 7.58
C ALA A 63 5.63 -20.35 6.75
N GLN A 64 4.57 -19.87 6.10
CA GLN A 64 3.72 -20.71 5.28
C GLN A 64 4.31 -20.81 3.87
N THR A 65 3.74 -21.69 3.07
CA THR A 65 4.21 -21.93 1.72
C THR A 65 3.09 -21.70 0.71
N PRO A 66 3.43 -21.39 -0.54
CA PRO A 66 2.36 -21.27 -1.55
C PRO A 66 1.54 -22.54 -1.71
N ALA A 67 2.20 -23.69 -1.59
CA ALA A 67 1.51 -24.97 -1.71
C ALA A 67 0.44 -25.12 -0.64
N GLN A 68 0.71 -24.63 0.58
CA GLN A 68 -0.28 -24.72 1.65
C GLN A 68 -1.49 -23.85 1.35
N TRP A 69 -1.27 -22.68 0.74
CA TRP A 69 -2.39 -21.81 0.39
C TRP A 69 -3.29 -22.45 -0.66
N TRP A 70 -2.73 -23.29 -1.53
CA TRP A 70 -3.56 -24.07 -2.45
C TRP A 70 -4.44 -25.06 -1.69
N GLN A 71 -3.89 -25.67 -0.63
CA GLN A 71 -4.70 -26.55 0.21
C GLN A 71 -5.81 -25.76 0.90
N ASP A 72 -5.52 -24.53 1.34
CA ASP A 72 -6.56 -23.68 1.91
C ASP A 72 -7.67 -23.43 0.91
N THR A 73 -7.33 -23.27 -0.36
CA THR A 73 -8.34 -23.04 -1.38
C THR A 73 -9.25 -24.25 -1.54
N GLN A 74 -8.67 -25.45 -1.54
CA GLN A 74 -9.50 -26.65 -1.64
C GLN A 74 -10.38 -26.83 -0.41
N GLN A 75 -9.85 -26.52 0.78
CA GLN A 75 -10.64 -26.66 1.99
C GLN A 75 -11.83 -25.71 1.99
N ALA A 76 -11.65 -24.51 1.43
CA ALA A 76 -12.74 -23.55 1.35
C ALA A 76 -13.84 -24.04 0.43
N ILE A 77 -13.47 -24.62 -0.72
CA ILE A 77 -14.47 -25.15 -1.66
C ILE A 77 -15.22 -26.31 -1.03
N SER A 78 -14.50 -27.25 -0.41
CA SER A 78 -15.14 -28.38 0.25
C SER A 78 -16.04 -27.93 1.39
N PHE A 79 -15.65 -26.87 2.09
CA PHE A 79 -16.46 -26.37 3.19
C PHE A 79 -17.82 -25.88 2.71
N MET A 80 -17.85 -25.23 1.54
CA MET A 80 -19.12 -24.78 0.98
C MET A 80 -19.99 -25.97 0.60
N ARG A 81 -19.39 -27.00 0.00
CA ARG A 81 -20.14 -28.20 -0.34
C ARG A 81 -20.63 -28.91 0.91
N GLN A 82 -19.82 -28.88 1.98
CA GLN A 82 -20.26 -29.44 3.25
C GLN A 82 -21.49 -28.73 3.78
N LYS A 83 -21.66 -27.46 3.41
CA LYS A 83 -22.83 -26.67 3.79
C LYS A 83 -24.04 -26.94 2.91
N GLY A 84 -23.93 -27.77 1.88
CA GLY A 84 -25.05 -28.06 1.01
C GLY A 84 -25.06 -27.29 -0.29
N TYR A 85 -24.10 -26.40 -0.51
CA TYR A 85 -24.04 -25.61 -1.73
C TYR A 85 -23.40 -26.41 -2.85
N THR A 86 -24.07 -26.45 -4.01
CA THR A 86 -23.57 -27.13 -5.19
C THR A 86 -23.21 -26.18 -6.32
N LYS A 87 -23.71 -24.95 -6.30
CA LYS A 87 -23.45 -23.96 -7.32
C LYS A 87 -22.51 -22.91 -6.72
N ILE A 88 -21.22 -23.06 -6.99
CA ILE A 88 -20.19 -22.24 -6.37
C ILE A 88 -19.29 -21.69 -7.45
N SER A 89 -18.86 -20.44 -7.28
CA SER A 89 -17.85 -19.80 -8.09
C SER A 89 -16.76 -19.28 -7.17
N ILE A 90 -15.56 -19.13 -7.71
CA ILE A 90 -14.41 -18.76 -6.90
C ILE A 90 -13.58 -17.71 -7.62
N PHE A 91 -13.28 -16.62 -6.94
CA PHE A 91 -12.50 -15.52 -7.46
C PHE A 91 -11.32 -15.29 -6.53
N GLY A 92 -10.29 -14.65 -7.06
CA GLY A 92 -9.16 -14.29 -6.23
C GLY A 92 -8.57 -12.95 -6.61
N LEU A 93 -8.12 -12.23 -5.59
CA LEU A 93 -7.52 -10.92 -5.75
C LEU A 93 -6.01 -11.09 -5.68
N SER A 94 -5.31 -10.55 -6.68
CA SER A 94 -3.85 -10.62 -6.73
C SER A 94 -3.37 -12.07 -6.57
N LEU A 95 -2.69 -12.37 -5.45
CA LEU A 95 -2.21 -13.73 -5.23
C LEU A 95 -3.36 -14.74 -5.20
N GLY A 96 -4.51 -14.34 -4.65
CA GLY A 96 -5.65 -15.24 -4.59
C GLY A 96 -6.09 -15.75 -5.95
N GLY A 97 -5.98 -14.91 -6.98
CA GLY A 97 -6.40 -15.32 -8.31
C GLY A 97 -5.67 -16.53 -8.85
N ILE A 98 -4.42 -16.72 -8.45
CA ILE A 98 -3.65 -17.88 -8.92
C ILE A 98 -4.31 -19.17 -8.44
N PHE A 99 -4.65 -19.22 -7.15
CA PHE A 99 -5.28 -20.40 -6.58
C PHE A 99 -6.73 -20.54 -7.05
N ALA A 100 -7.40 -19.42 -7.29
CA ALA A 100 -8.74 -19.47 -7.87
C ALA A 100 -8.71 -20.11 -9.25
N THR A 101 -7.69 -19.79 -10.05
CA THR A 101 -7.54 -20.43 -11.34
C THR A 101 -7.17 -21.90 -11.18
N ALA A 102 -6.33 -22.22 -10.21
CA ALA A 102 -5.99 -23.61 -9.95
C ALA A 102 -7.23 -24.42 -9.62
N ALA A 103 -8.17 -23.82 -8.91
CA ALA A 103 -9.41 -24.53 -8.56
C ALA A 103 -10.26 -24.79 -9.80
N LEU A 104 -10.41 -23.78 -10.65
CA LEU A 104 -11.24 -23.94 -11.85
C LEU A 104 -10.65 -24.97 -12.81
N GLU A 105 -9.32 -25.09 -12.85
CA GLU A 105 -8.68 -26.06 -13.73
C GLU A 105 -8.99 -27.49 -13.32
N ARG A 106 -8.99 -27.76 -12.01
CA ARG A 106 -9.06 -29.11 -11.48
C ARG A 106 -10.47 -29.53 -11.07
N ASP A 107 -11.48 -28.67 -11.22
CA ASP A 107 -12.82 -28.97 -10.76
C ASP A 107 -13.84 -28.49 -11.80
N PRO A 108 -14.23 -29.36 -12.74
CA PRO A 108 -15.23 -28.96 -13.73
C PRO A 108 -16.60 -28.69 -13.13
N GLN A 109 -16.88 -29.19 -11.93
CA GLN A 109 -18.15 -28.91 -11.27
C GLN A 109 -18.28 -27.46 -10.83
N LEU A 110 -17.17 -26.76 -10.63
CA LEU A 110 -17.26 -25.34 -10.31
C LEU A 110 -17.90 -24.57 -11.46
N LEU A 111 -18.81 -23.66 -11.12
CA LEU A 111 -19.55 -22.96 -12.17
C LEU A 111 -18.71 -21.86 -12.83
N GLY A 112 -17.83 -21.20 -12.09
CA GLY A 112 -17.00 -20.17 -12.69
C GLY A 112 -16.19 -19.40 -11.67
N GLY A 113 -15.85 -18.17 -12.04
CA GLY A 113 -15.04 -17.32 -11.18
C GLY A 113 -14.01 -16.54 -11.98
N GLY A 114 -12.87 -16.25 -11.39
CA GLY A 114 -11.84 -15.52 -12.10
C GLY A 114 -10.85 -14.86 -11.16
N THR A 115 -10.21 -13.81 -11.68
CA THR A 115 -9.08 -13.17 -11.03
C THR A 115 -9.27 -11.66 -10.99
N PHE A 116 -8.70 -11.03 -9.96
CA PHE A 116 -8.68 -9.58 -9.84
C PHE A 116 -7.21 -9.15 -9.79
N SER A 117 -6.73 -8.57 -10.88
CA SER A 117 -5.33 -8.13 -11.00
C SER A 117 -4.37 -9.25 -10.63
N SER A 118 -4.58 -10.43 -11.22
CA SER A 118 -3.75 -11.54 -10.79
C SER A 118 -2.68 -11.86 -11.81
N PRO A 119 -1.43 -11.99 -11.39
CA PRO A 119 -0.36 -12.39 -12.30
C PRO A 119 -0.29 -13.91 -12.39
N LEU A 120 -0.88 -14.47 -13.45
CA LEU A 120 -0.94 -15.91 -13.62
C LEU A 120 0.25 -16.47 -14.37
N PHE A 121 1.29 -15.68 -14.58
CA PHE A 121 2.50 -16.15 -15.22
C PHE A 121 3.69 -15.71 -14.37
N ALA A 122 4.61 -16.64 -14.11
CA ALA A 122 5.75 -16.34 -13.27
C ALA A 122 6.53 -15.18 -13.87
N GLY A 123 7.00 -14.28 -13.01
CA GLY A 123 7.76 -13.15 -13.50
C GLY A 123 8.31 -12.32 -12.37
N ASN A 124 8.68 -11.09 -12.71
CA ASN A 124 9.24 -10.17 -11.74
C ASN A 124 8.18 -9.82 -10.69
N ARG A 125 8.49 -10.10 -9.42
CA ARG A 125 7.62 -9.77 -8.30
C ARG A 125 8.23 -8.71 -7.40
N SER A 126 9.21 -7.94 -7.91
CA SER A 126 9.89 -6.93 -7.11
C SER A 126 8.95 -5.84 -6.61
N ASP A 127 7.74 -5.73 -7.16
CA ASP A 127 6.83 -4.71 -6.68
C ASP A 127 6.07 -5.20 -5.46
N VAL A 128 5.73 -6.48 -5.44
CA VAL A 128 5.04 -7.02 -4.28
C VAL A 128 6.01 -7.10 -3.10
N ALA A 129 7.29 -7.36 -3.37
CA ALA A 129 8.27 -7.48 -2.29
C ALA A 129 8.45 -6.15 -1.56
N GLU A 130 8.58 -5.05 -2.30
CA GLU A 130 8.75 -3.75 -1.67
C GLU A 130 7.46 -3.26 -1.02
N MET A 131 6.31 -3.59 -1.61
CA MET A 131 5.03 -3.25 -1.00
C MET A 131 4.88 -3.91 0.36
N PHE A 132 5.30 -5.18 0.45
CA PHE A 132 5.21 -5.91 1.70
C PHE A 132 6.06 -5.25 2.78
N ILE A 133 7.25 -4.76 2.42
CA ILE A 133 8.10 -4.08 3.38
C ILE A 133 7.45 -2.79 3.86
N THR A 134 6.94 -1.99 2.92
CA THR A 134 6.22 -0.77 3.28
C THR A 134 5.00 -1.09 4.13
N LEU A 135 4.27 -2.14 3.75
CA LEU A 135 3.08 -2.54 4.50
C LEU A 135 3.45 -2.97 5.92
N SER A 136 4.46 -3.84 6.04
CA SER A 136 4.84 -4.37 7.35
C SER A 136 5.33 -3.26 8.28
N HIS A 137 6.20 -2.37 7.78
CA HIS A 137 6.69 -1.26 8.61
C HIS A 137 5.55 -0.41 9.14
N HIS A 138 4.58 -0.10 8.29
CA HIS A 138 3.44 0.72 8.73
C HIS A 138 2.55 -0.08 9.68
N GLN A 139 2.33 -1.36 9.41
CA GLN A 139 1.53 -2.19 10.32
C GLN A 139 2.19 -2.28 11.69
N LEU A 140 3.52 -2.45 11.72
CA LEU A 140 4.25 -2.59 12.96
C LEU A 140 4.21 -1.33 13.81
N ALA A 141 3.94 -0.16 13.22
CA ALA A 141 3.87 1.06 14.00
C ALA A 141 2.82 0.98 15.09
N HIS A 142 1.78 0.16 14.90
CA HIS A 142 0.75 -0.07 15.89
C HIS A 142 0.89 -1.43 16.56
N SER A 143 2.02 -2.10 16.37
CA SER A 143 2.15 -3.47 16.82
C SER A 143 2.36 -3.52 18.33
N GLN A 144 2.26 -4.74 18.86
CA GLN A 144 2.56 -5.04 20.24
C GLN A 144 4.07 -5.16 20.46
N PHE A 145 4.82 -5.35 19.38
CA PHE A 145 6.25 -5.64 19.47
C PHE A 145 7.03 -4.43 19.94
N SER A 146 8.18 -4.70 20.54
CA SER A 146 9.13 -3.67 20.95
C SER A 146 9.90 -3.14 19.75
N ILE A 147 10.61 -2.03 19.96
CA ILE A 147 11.41 -1.45 18.89
C ILE A 147 12.45 -2.45 18.37
N ALA A 148 13.07 -3.19 19.30
CA ALA A 148 14.05 -4.20 18.90
C ALA A 148 13.39 -5.32 18.10
N GLU A 149 12.20 -5.74 18.53
CA GLU A 149 11.48 -6.80 17.83
C GLU A 149 11.09 -6.36 16.42
N ARG A 150 10.62 -5.12 16.28
CA ARG A 150 10.26 -4.59 14.97
C ARG A 150 11.46 -4.60 14.02
N GLU A 151 12.63 -4.18 14.49
CA GLU A 151 13.82 -4.18 13.65
C GLU A 151 14.23 -5.61 13.30
N GLN A 152 14.07 -6.56 14.23
CA GLN A 152 14.33 -7.95 13.90
C GLN A 152 13.43 -8.41 12.77
N ILE A 153 12.15 -8.05 12.80
CA ILE A 153 11.24 -8.43 11.73
C ILE A 153 11.58 -7.67 10.45
N LEU A 154 11.63 -6.34 10.54
CA LEU A 154 11.66 -5.50 9.34
C LEU A 154 12.94 -5.67 8.54
N MET A 155 14.07 -5.82 9.21
CA MET A 155 15.34 -5.90 8.48
C MET A 155 15.64 -7.29 7.94
N THR A 156 14.92 -8.32 8.37
CA THR A 156 15.10 -9.66 7.84
C THR A 156 14.09 -10.04 6.76
N LEU A 157 13.05 -9.22 6.53
CA LEU A 157 12.02 -9.59 5.56
C LEU A 157 12.52 -9.71 4.13
N PRO A 158 13.31 -8.76 3.57
CA PRO A 158 13.60 -8.83 2.12
C PRO A 158 14.14 -10.16 1.63
N GLU A 159 14.99 -10.81 2.43
CA GLU A 159 15.53 -12.10 2.02
C GLU A 159 14.46 -13.18 2.01
N LEU A 160 13.63 -13.21 3.06
CA LEU A 160 12.57 -14.21 3.14
C LEU A 160 11.47 -13.95 2.11
N VAL A 161 11.15 -12.68 1.87
CA VAL A 161 10.08 -12.34 0.94
C VAL A 161 10.46 -12.69 -0.49
N GLN A 162 11.72 -12.45 -0.87
CA GLN A 162 12.16 -12.81 -2.21
C GLN A 162 12.08 -14.32 -2.42
N ARG A 163 12.43 -15.10 -1.40
CA ARG A 163 12.35 -16.55 -1.50
C ARG A 163 10.91 -17.03 -1.62
N GLN A 164 10.01 -16.49 -0.80
CA GLN A 164 8.61 -16.93 -0.84
C GLN A 164 7.94 -16.54 -2.16
N LEU A 165 8.14 -15.30 -2.62
CA LEU A 165 7.58 -14.90 -3.91
C LEU A 165 8.16 -15.74 -5.03
N GLN A 166 9.42 -16.17 -4.87
CA GLN A 166 10.04 -17.09 -5.81
C GLN A 166 9.31 -18.43 -5.79
N ALA A 167 8.93 -18.91 -4.61
CA ALA A 167 8.16 -20.14 -4.50
C ALA A 167 6.78 -19.99 -5.14
N VAL A 168 6.16 -18.81 -4.98
CA VAL A 168 4.91 -18.54 -5.67
C VAL A 168 5.09 -18.65 -7.17
N ASN A 169 6.22 -18.17 -7.68
CA ASN A 169 6.49 -18.24 -9.12
C ASN A 169 6.59 -19.69 -9.57
N THR A 170 7.31 -20.52 -8.81
CA THR A 170 7.46 -21.92 -9.16
C THR A 170 6.14 -22.66 -9.08
N PHE A 171 5.31 -22.36 -8.08
CA PHE A 171 4.01 -22.99 -7.98
C PHE A 171 3.11 -22.61 -9.14
N THR A 172 3.13 -21.32 -9.52
CA THR A 172 2.27 -20.87 -10.63
C THR A 172 2.64 -21.56 -11.93
N THR A 173 3.94 -21.65 -12.22
CA THR A 173 4.37 -22.21 -13.51
C THR A 173 4.07 -23.70 -13.60
N THR A 174 4.40 -24.46 -12.56
CA THR A 174 4.30 -25.91 -12.64
C THR A 174 2.87 -26.41 -12.41
N GLU A 175 2.08 -25.72 -11.60
CA GLU A 175 0.75 -26.20 -11.23
C GLU A 175 -0.40 -25.43 -11.85
N VAL A 176 -0.20 -24.18 -12.28
CA VAL A 176 -1.29 -23.33 -12.72
C VAL A 176 -1.16 -22.95 -14.19
N THR A 177 -0.02 -22.37 -14.57
CA THR A 177 0.15 -21.93 -15.95
C THR A 177 0.11 -23.11 -16.92
N SER A 178 0.73 -24.23 -16.54
CA SER A 178 0.76 -25.41 -17.39
C SER A 178 -0.61 -26.04 -17.56
N HIS A 179 -1.57 -25.73 -16.68
CA HIS A 179 -2.89 -26.34 -16.74
C HIS A 179 -3.98 -25.34 -17.11
N LEU A 180 -3.62 -24.20 -17.70
CA LEU A 180 -4.62 -23.22 -18.11
C LEU A 180 -5.59 -23.79 -19.14
N SER A 181 -5.11 -24.69 -20.00
CA SER A 181 -5.96 -25.33 -21.00
C SER A 181 -7.03 -26.23 -20.37
N ALA A 182 -6.86 -26.59 -19.11
CA ALA A 182 -7.84 -27.42 -18.41
C ALA A 182 -9.06 -26.66 -17.94
N VAL A 183 -9.04 -25.31 -17.99
CA VAL A 183 -10.20 -24.53 -17.56
C VAL A 183 -11.37 -24.85 -18.47
N THR A 184 -12.55 -25.08 -17.87
CA THR A 184 -13.74 -25.40 -18.62
C THR A 184 -14.88 -24.40 -18.45
N GLN A 185 -14.73 -23.40 -17.59
CA GLN A 185 -15.84 -22.52 -17.26
C GLN A 185 -15.64 -21.12 -17.83
N PRO A 186 -16.71 -20.37 -18.06
CA PRO A 186 -16.56 -18.96 -18.39
C PRO A 186 -15.74 -18.25 -17.33
N PHE A 187 -14.78 -17.45 -17.79
CA PHE A 187 -13.74 -16.92 -16.92
C PHE A 187 -13.80 -15.41 -16.90
N PHE A 188 -13.77 -14.84 -15.70
CA PHE A 188 -13.83 -13.41 -15.49
C PHE A 188 -12.42 -12.90 -15.21
N ILE A 189 -12.02 -11.83 -15.91
CA ILE A 189 -10.72 -11.22 -15.69
C ILE A 189 -10.94 -9.73 -15.45
N GLY A 190 -10.45 -9.25 -14.31
CA GLY A 190 -10.46 -7.83 -14.00
C GLY A 190 -9.04 -7.41 -13.71
N GLN A 191 -8.68 -6.20 -14.15
CA GLN A 191 -7.30 -5.77 -13.97
C GLN A 191 -7.20 -4.29 -13.64
N GLY A 192 -6.50 -4.01 -12.55
CA GLY A 192 -6.18 -2.66 -12.13
C GLY A 192 -4.79 -2.23 -12.59
N GLY A 193 -4.65 -0.94 -12.85
CA GLY A 193 -3.36 -0.41 -13.27
C GLY A 193 -3.48 0.68 -14.31
N GLN A 194 -2.80 1.80 -14.11
CA GLN A 194 -2.88 2.92 -15.03
C GLN A 194 -1.78 2.89 -16.08
N ASP A 195 -1.12 1.76 -16.25
CA ASP A 195 -0.06 1.59 -17.23
C ASP A 195 -0.55 0.48 -18.17
N GLU A 196 -0.75 0.81 -19.44
CA GLU A 196 -1.31 -0.17 -20.36
C GLU A 196 -0.25 -1.19 -20.78
N LEU A 197 0.99 -0.74 -20.94
CA LEU A 197 2.07 -1.60 -21.42
C LEU A 197 2.44 -2.66 -20.39
N ILE A 198 2.13 -2.45 -19.11
CA ILE A 198 2.57 -3.33 -18.04
C ILE A 198 1.39 -3.99 -17.33
N ASP A 199 0.45 -3.20 -16.83
CA ASP A 199 -0.68 -3.75 -16.08
C ASP A 199 -1.66 -4.47 -16.99
N ALA A 200 -2.12 -3.79 -18.05
CA ALA A 200 -3.16 -4.36 -18.89
C ALA A 200 -2.71 -5.64 -19.58
N THR A 201 -1.42 -5.75 -19.91
CA THR A 201 -0.95 -6.92 -20.62
C THR A 201 -0.89 -8.16 -19.74
N VAL A 202 -0.80 -8.00 -18.42
CA VAL A 202 -0.84 -9.16 -17.54
C VAL A 202 -2.20 -9.84 -17.63
N ALA A 203 -3.26 -9.04 -17.73
CA ALA A 203 -4.59 -9.59 -17.95
C ALA A 203 -4.76 -10.10 -19.38
N ARG A 204 -4.18 -9.38 -20.35
CA ARG A 204 -4.29 -9.80 -21.74
C ARG A 204 -3.59 -11.13 -21.99
N GLN A 205 -2.46 -11.37 -21.30
CA GLN A 205 -1.77 -12.65 -21.47
C GLN A 205 -2.62 -13.82 -20.99
N LEU A 206 -3.33 -13.64 -19.88
CA LEU A 206 -4.22 -14.71 -19.41
C LEU A 206 -5.40 -14.91 -20.34
N ARG A 207 -5.99 -13.82 -20.84
CA ARG A 207 -7.10 -13.93 -21.76
C ARG A 207 -6.70 -14.67 -23.04
N ASP A 208 -5.53 -14.31 -23.59
CA ASP A 208 -5.06 -14.95 -24.81
C ASP A 208 -4.68 -16.41 -24.57
N GLN A 209 -4.45 -16.80 -23.32
CA GLN A 209 -4.16 -18.17 -22.96
C GLN A 209 -5.40 -18.95 -22.57
N LEU A 210 -6.59 -18.39 -22.78
CA LEU A 210 -7.86 -19.06 -22.50
C LEU A 210 -8.76 -19.04 -23.72
N PRO A 211 -8.32 -19.64 -24.84
CA PRO A 211 -9.15 -19.60 -26.06
C PRO A 211 -10.31 -20.57 -26.04
N GLN A 212 -10.22 -21.66 -25.27
CA GLN A 212 -11.30 -22.63 -25.21
C GLN A 212 -12.53 -22.08 -24.53
N VAL A 213 -12.39 -21.03 -23.74
CA VAL A 213 -13.48 -20.56 -22.88
C VAL A 213 -13.75 -19.08 -23.10
N PRO A 214 -14.98 -18.61 -22.88
CA PRO A 214 -15.26 -17.17 -22.98
C PRO A 214 -14.66 -16.41 -21.82
N VAL A 215 -14.05 -15.27 -22.13
CA VAL A 215 -13.36 -14.45 -21.14
C VAL A 215 -14.10 -13.14 -21.00
N ASP A 216 -14.49 -12.81 -19.76
CA ASP A 216 -15.14 -11.54 -19.44
C ASP A 216 -14.04 -10.59 -19.00
N PHE A 217 -13.53 -9.79 -19.92
CA PHE A 217 -12.32 -9.01 -19.72
C PHE A 217 -12.66 -7.58 -19.37
N HIS A 218 -12.01 -7.04 -18.35
CA HIS A 218 -12.23 -5.66 -17.94
C HIS A 218 -10.92 -5.07 -17.47
N TRP A 219 -10.57 -3.90 -18.01
CA TRP A 219 -9.44 -3.11 -17.54
C TRP A 219 -9.98 -1.84 -16.91
N TYR A 220 -9.55 -1.55 -15.69
CA TYR A 220 -9.93 -0.31 -15.00
C TYR A 220 -8.73 0.61 -15.08
N ALA A 221 -8.64 1.34 -16.20
CA ALA A 221 -7.42 2.05 -16.55
C ALA A 221 -7.07 3.17 -15.58
N ASP A 222 -8.07 3.81 -14.98
CA ASP A 222 -7.83 4.93 -14.09
C ASP A 222 -7.61 4.52 -12.64
N ALA A 223 -7.56 3.23 -12.36
CA ALA A 223 -7.52 2.72 -11.00
C ALA A 223 -6.25 1.92 -10.77
N GLY A 224 -5.86 1.80 -9.50
CA GLY A 224 -4.73 0.99 -9.13
C GLY A 224 -5.07 -0.50 -9.11
N HIS A 225 -4.11 -1.28 -8.64
CA HIS A 225 -4.19 -2.74 -8.76
C HIS A 225 -5.32 -3.31 -7.90
N VAL A 226 -5.43 -2.88 -6.65
CA VAL A 226 -6.39 -3.48 -5.74
C VAL A 226 -7.77 -2.93 -6.07
N ILE A 227 -8.34 -3.43 -7.17
CA ILE A 227 -9.62 -2.94 -7.68
C ILE A 227 -10.81 -3.27 -6.79
N THR A 228 -10.63 -4.15 -5.81
CA THR A 228 -11.72 -4.48 -4.91
C THR A 228 -11.95 -3.40 -3.87
N VAL A 229 -10.97 -2.53 -3.63
CA VAL A 229 -11.10 -1.49 -2.60
C VAL A 229 -10.88 -0.09 -3.13
N ASN A 230 -10.30 0.11 -4.31
CA ASN A 230 -9.98 1.45 -4.79
C ASN A 230 -11.18 2.05 -5.54
N SER A 231 -10.92 3.06 -6.37
CA SER A 231 -11.99 3.75 -7.09
C SER A 231 -12.71 2.87 -8.10
N ALA A 232 -12.13 1.72 -8.45
CA ALA A 232 -12.75 0.81 -9.41
C ALA A 232 -13.79 -0.11 -8.79
N HIS A 233 -13.93 -0.12 -7.46
CA HIS A 233 -14.70 -1.16 -6.81
C HIS A 233 -16.18 -1.12 -7.22
N HIS A 234 -16.73 0.07 -7.44
CA HIS A 234 -18.12 0.15 -7.89
C HIS A 234 -18.33 -0.51 -9.25
N GLN A 235 -17.44 -0.21 -10.22
CA GLN A 235 -17.57 -0.81 -11.53
C GLN A 235 -17.29 -2.31 -11.48
N LEU A 236 -16.27 -2.72 -10.71
CA LEU A 236 -15.95 -4.13 -10.58
C LEU A 236 -17.11 -4.92 -10.00
N GLU A 237 -17.77 -4.35 -8.97
CA GLU A 237 -18.90 -5.03 -8.36
C GLU A 237 -20.02 -5.26 -9.36
N GLN A 238 -20.32 -4.26 -10.18
CA GLN A 238 -21.34 -4.43 -11.21
C GLN A 238 -20.90 -5.42 -12.28
N ASP A 239 -19.61 -5.42 -12.62
CA ASP A 239 -19.10 -6.33 -13.64
C ASP A 239 -19.16 -7.77 -13.13
N VAL A 240 -18.78 -8.01 -11.88
CA VAL A 240 -18.87 -9.35 -11.32
C VAL A 240 -20.32 -9.77 -11.17
N LEU A 241 -21.20 -8.82 -10.80
CA LEU A 241 -22.62 -9.13 -10.69
C LEU A 241 -23.22 -9.52 -12.03
N THR A 242 -22.85 -8.81 -13.10
CA THR A 242 -23.33 -9.17 -14.43
C THR A 242 -22.77 -10.52 -14.87
N TYR A 243 -21.51 -10.78 -14.56
CA TYR A 243 -20.91 -12.06 -14.95
C TYR A 243 -21.59 -13.22 -14.22
N LEU A 244 -21.87 -13.05 -12.93
CA LEU A 244 -22.47 -14.14 -12.15
C LEU A 244 -23.82 -14.56 -12.72
N LYS A 245 -24.59 -13.62 -13.28
CA LYS A 245 -25.85 -14.00 -13.90
C LYS A 245 -25.65 -14.96 -15.06
N THR A 246 -24.52 -14.86 -15.76
CA THR A 246 -24.23 -15.77 -16.87
C THR A 246 -23.94 -17.18 -16.37
N ILE A 247 -23.17 -17.31 -15.29
CA ILE A 247 -22.69 -18.62 -14.86
C ILE A 247 -23.74 -19.39 -14.06
N TYR A 248 -24.65 -18.70 -13.39
CA TYR A 248 -25.74 -19.36 -12.68
C TYR A 248 -26.98 -19.43 -13.57
N LYS B 4 -0.33 0.89 22.34
CA LYS B 4 0.99 1.52 22.33
C LYS B 4 1.26 2.24 21.02
N GLN B 5 0.56 3.35 20.83
CA GLN B 5 0.69 4.14 19.60
C GLN B 5 2.01 4.90 19.58
N PRO B 6 2.49 5.25 18.40
CA PRO B 6 3.76 5.98 18.29
C PRO B 6 3.63 7.42 18.77
N GLU B 7 4.75 7.94 19.26
CA GLU B 7 4.87 9.29 19.79
C GLU B 7 5.91 10.08 19.02
N PRO B 8 5.77 11.40 18.96
CA PRO B 8 6.83 12.21 18.36
C PRO B 8 8.10 12.16 19.21
N PHE B 9 9.22 12.47 18.57
CA PHE B 9 10.51 12.43 19.23
C PHE B 9 11.20 13.78 19.09
N PHE B 10 12.05 14.09 20.05
CA PHE B 10 12.83 15.32 20.04
C PHE B 10 14.22 15.02 20.61
N PHE B 11 15.23 14.99 19.75
CA PHE B 11 16.60 14.73 20.16
C PHE B 11 17.36 16.04 20.19
N GLU B 12 17.76 16.46 21.40
CA GLU B 12 18.34 17.77 21.66
C GLU B 12 19.86 17.64 21.67
N HIS B 13 20.54 18.30 20.72
CA HIS B 13 22.00 18.23 20.71
C HIS B 13 22.67 19.56 20.34
N GLY B 14 22.73 19.87 19.04
CA GLY B 14 23.50 21.01 18.57
C GLY B 14 22.64 22.04 17.86
N GLN B 15 23.29 23.16 17.52
CA GLN B 15 22.57 24.30 16.97
C GLN B 15 21.91 23.98 15.65
N HIS B 16 22.46 23.05 14.88
CA HIS B 16 21.90 22.66 13.60
C HIS B 16 20.70 21.76 13.84
N ALA B 17 19.50 22.26 13.50
CA ALA B 17 18.24 21.60 13.79
C ALA B 17 17.61 21.07 12.51
N VAL B 18 17.07 19.85 12.59
CA VAL B 18 16.43 19.20 11.46
C VAL B 18 15.02 18.79 11.88
N ILE B 19 14.03 19.14 11.07
CA ILE B 19 12.64 18.74 11.28
C ILE B 19 12.31 17.66 10.25
N LEU B 20 11.81 16.53 10.73
CA LEU B 20 11.47 15.40 9.87
C LEU B 20 9.99 15.11 9.96
N LEU B 21 9.30 15.19 8.83
CA LEU B 21 7.87 14.94 8.74
C LEU B 21 7.62 13.57 8.13
N HIS B 22 6.58 12.90 8.60
CA HIS B 22 6.33 11.52 8.22
C HIS B 22 5.27 11.42 7.12
N ALA B 23 4.99 10.20 6.72
CA ALA B 23 4.14 9.90 5.58
C ALA B 23 2.66 9.91 5.96
N TYR B 24 1.82 9.94 4.92
CA TYR B 24 0.39 9.81 5.09
C TYR B 24 0.06 8.47 5.74
N ALA B 25 -0.76 8.52 6.80
CA ALA B 25 -1.16 7.35 7.59
C ALA B 25 0.04 6.70 8.28
N GLY B 26 1.16 7.41 8.37
CA GLY B 26 2.34 6.96 9.08
C GLY B 26 2.44 7.54 10.48
N SER B 27 3.67 7.68 10.95
CA SER B 27 3.94 8.20 12.28
C SER B 27 5.40 8.60 12.34
N ALA B 28 5.80 9.17 13.49
CA ALA B 28 7.20 9.53 13.68
C ALA B 28 8.13 8.34 13.58
N ASN B 29 7.60 7.11 13.69
CA ASN B 29 8.41 5.92 13.49
C ASN B 29 8.85 5.78 12.04
N ASP B 30 8.17 6.45 11.10
CA ASP B 30 8.60 6.44 9.71
C ASP B 30 9.99 7.07 9.56
N VAL B 31 10.36 7.96 10.48
CA VAL B 31 11.50 8.84 10.27
C VAL B 31 12.49 8.73 11.45
N ARG B 32 12.26 7.77 12.34
CA ARG B 32 13.10 7.68 13.55
C ARG B 32 14.52 7.21 13.24
N MET B 33 14.68 6.22 12.38
CA MET B 33 16.01 5.71 12.06
C MET B 33 16.88 6.77 11.41
N LEU B 34 16.32 7.57 10.50
CA LEU B 34 17.06 8.70 9.94
C LEU B 34 17.51 9.65 11.04
N ALA B 35 16.61 9.94 11.99
CA ALA B 35 16.96 10.81 13.10
C ALA B 35 18.13 10.27 13.90
N ARG B 36 18.21 8.94 14.06
CA ARG B 36 19.29 8.34 14.84
C ARG B 36 20.64 8.62 14.18
N ALA B 37 20.71 8.55 12.86
CA ALA B 37 21.95 8.87 12.15
C ALA B 37 22.27 10.36 12.20
N LEU B 38 21.25 11.21 12.19
CA LEU B 38 21.49 12.65 12.31
C LEU B 38 21.91 13.01 13.72
N GLU B 39 21.37 12.30 14.72
CA GLU B 39 21.76 12.52 16.11
C GLU B 39 23.24 12.21 16.31
N ARG B 40 23.74 11.17 15.65
CA ARG B 40 25.14 10.75 15.80
C ARG B 40 26.10 11.85 15.33
N GLU B 41 25.71 12.65 14.34
CA GLU B 41 26.52 13.75 13.86
C GLU B 41 26.19 15.07 14.56
N ASP B 42 25.55 15.00 15.73
CA ASP B 42 25.31 16.14 16.64
C ASP B 42 24.21 17.07 16.15
N TYR B 43 23.35 16.63 15.23
CA TYR B 43 22.22 17.43 14.81
C TYR B 43 21.07 17.31 15.80
N THR B 44 20.41 18.43 16.05
CA THR B 44 19.13 18.41 16.76
C THR B 44 18.05 17.95 15.79
N VAL B 45 17.20 17.02 16.23
CA VAL B 45 16.20 16.43 15.35
C VAL B 45 14.85 16.42 16.06
N TYR B 46 13.81 16.80 15.33
CA TYR B 46 12.45 16.86 15.84
C TYR B 46 11.56 16.13 14.86
N GLY B 47 10.77 15.18 15.35
CA GLY B 47 9.90 14.41 14.51
C GLY B 47 8.46 14.53 14.98
N PRO B 48 7.76 15.54 14.49
CA PRO B 48 6.37 15.74 14.91
C PRO B 48 5.44 14.77 14.18
N GLN B 49 4.25 14.62 14.75
CA GLN B 49 3.22 13.75 14.19
C GLN B 49 2.04 14.59 13.75
N PHE B 50 1.55 14.32 12.54
CA PHE B 50 0.45 15.08 11.96
C PHE B 50 -0.85 14.81 12.72
N SER B 51 -1.74 15.81 12.69
CA SER B 51 -3.02 15.69 13.35
C SER B 51 -3.81 14.50 12.81
N GLY B 52 -4.52 13.80 13.70
CA GLY B 52 -5.29 12.65 13.31
C GLY B 52 -4.51 11.36 13.20
N HIS B 53 -3.18 11.41 13.25
CA HIS B 53 -2.35 10.23 13.04
C HIS B 53 -2.01 9.56 14.36
N ALA B 54 -1.59 8.29 14.26
CA ALA B 54 -1.13 7.50 15.40
C ALA B 54 -2.22 7.31 16.45
N THR B 55 -3.43 7.00 16.01
CA THR B 55 -4.54 6.66 16.89
C THR B 55 -5.08 5.28 16.56
N ASP B 56 -6.11 4.87 17.30
CA ASP B 56 -6.80 3.60 17.06
C ASP B 56 -7.75 3.67 15.87
N ASP B 57 -8.13 4.88 15.45
CA ASP B 57 -9.22 5.05 14.50
C ASP B 57 -8.71 5.60 13.19
N PRO B 58 -8.85 4.87 12.08
CA PRO B 58 -8.44 5.44 10.78
C PRO B 58 -9.25 6.67 10.40
N ARG B 59 -10.45 6.82 10.94
CA ARG B 59 -11.26 8.00 10.66
C ARG B 59 -10.63 9.27 11.21
N ASP B 60 -9.76 9.15 12.21
CA ASP B 60 -9.04 10.33 12.71
C ASP B 60 -8.19 10.96 11.62
N ILE B 61 -7.58 10.14 10.77
CA ILE B 61 -6.81 10.67 9.64
C ILE B 61 -7.75 11.30 8.62
N LEU B 62 -8.87 10.62 8.32
CA LEU B 62 -9.80 11.12 7.32
C LEU B 62 -10.54 12.36 7.79
N ALA B 63 -10.61 12.60 9.10
CA ALA B 63 -11.25 13.80 9.60
C ALA B 63 -10.40 15.05 9.40
N GLN B 64 -9.08 14.90 9.25
CA GLN B 64 -8.22 16.06 9.10
C GLN B 64 -8.18 16.53 7.65
N THR B 65 -7.61 17.71 7.45
CA THR B 65 -7.53 18.37 6.16
C THR B 65 -6.09 18.72 5.85
N PRO B 66 -5.75 18.94 4.56
CA PRO B 66 -4.39 19.39 4.24
C PRO B 66 -4.00 20.69 4.94
N ALA B 67 -4.96 21.60 5.10
CA ALA B 67 -4.68 22.87 5.76
C ALA B 67 -4.22 22.66 7.20
N GLN B 68 -4.80 21.69 7.90
CA GLN B 68 -4.40 21.43 9.28
C GLN B 68 -2.99 20.85 9.35
N TRP B 69 -2.65 19.95 8.43
CA TRP B 69 -1.30 19.40 8.40
C TRP B 69 -0.28 20.46 8.03
N TRP B 70 -0.66 21.42 7.17
CA TRP B 70 0.19 22.56 6.91
C TRP B 70 0.34 23.42 8.16
N GLN B 71 -0.74 23.59 8.92
CA GLN B 71 -0.65 24.28 10.19
C GLN B 71 0.24 23.52 11.17
N ASP B 72 0.17 22.18 11.14
CA ASP B 72 1.09 21.38 11.96
C ASP B 72 2.54 21.68 11.60
N THR B 73 2.82 21.87 10.32
CA THR B 73 4.18 22.12 9.85
C THR B 73 4.71 23.44 10.40
N GLN B 74 3.90 24.49 10.36
CA GLN B 74 4.31 25.77 10.92
C GLN B 74 4.47 25.68 12.43
N GLN B 75 3.56 24.97 13.11
CA GLN B 75 3.67 24.83 14.55
C GLN B 75 4.94 24.07 14.95
N ALA B 76 5.33 23.10 14.14
CA ALA B 76 6.58 22.38 14.43
C ALA B 76 7.78 23.30 14.27
N ILE B 77 7.80 24.14 13.23
CA ILE B 77 8.88 25.09 13.05
C ILE B 77 8.89 26.09 14.19
N SER B 78 7.70 26.61 14.55
CA SER B 78 7.59 27.52 15.67
C SER B 78 8.03 26.86 16.96
N PHE B 79 7.78 25.56 17.09
CA PHE B 79 8.21 24.81 18.27
C PHE B 79 9.72 24.81 18.40
N MET B 80 10.43 24.65 17.28
CA MET B 80 11.89 24.66 17.31
C MET B 80 12.43 26.03 17.69
N ARG B 81 11.86 27.09 17.13
CA ARG B 81 12.35 28.44 17.41
C ARG B 81 12.12 28.85 18.86
N GLN B 82 10.97 28.49 19.43
CA GLN B 82 10.73 28.76 20.84
C GLN B 82 11.73 28.02 21.72
N LYS B 83 12.25 26.89 21.26
CA LYS B 83 13.24 26.12 21.99
C LYS B 83 14.65 26.69 21.85
N GLY B 84 14.83 27.78 21.09
CA GLY B 84 16.12 28.42 20.93
C GLY B 84 16.87 28.09 19.65
N TYR B 85 16.30 27.21 18.83
CA TYR B 85 16.93 26.79 17.54
C TYR B 85 16.58 27.80 16.43
N THR B 86 17.60 28.30 15.75
CA THR B 86 17.36 29.29 14.68
C THR B 86 17.68 28.65 13.33
N LYS B 87 18.78 27.92 13.29
CA LYS B 87 19.29 27.31 12.05
C LYS B 87 18.57 25.98 11.86
N ILE B 88 17.57 25.98 10.97
CA ILE B 88 16.65 24.87 10.81
C ILE B 88 16.57 24.44 9.36
N SER B 89 16.51 23.12 9.13
CA SER B 89 16.19 22.51 7.85
C SER B 89 15.04 21.53 8.09
N ILE B 90 14.25 21.27 7.05
CA ILE B 90 13.05 20.46 7.19
C ILE B 90 12.88 19.51 6.01
N PHE B 91 12.65 18.23 6.31
CA PHE B 91 12.50 17.17 5.31
C PHE B 91 11.17 16.47 5.54
N GLY B 92 10.68 15.79 4.51
CA GLY B 92 9.44 15.03 4.64
C GLY B 92 9.45 13.76 3.82
N LEU B 93 8.79 12.74 4.37
CA LEU B 93 8.63 11.44 3.73
C LEU B 93 7.24 11.37 3.11
N SER B 94 7.16 10.97 1.84
CA SER B 94 5.89 10.84 1.13
C SER B 94 5.07 12.12 1.25
N LEU B 95 3.94 12.04 1.95
CA LEU B 95 3.12 13.23 2.15
C LEU B 95 3.88 14.31 2.91
N GLY B 96 4.75 13.91 3.84
CA GLY B 96 5.53 14.89 4.59
C GLY B 96 6.37 15.78 3.69
N GLY B 97 6.91 15.23 2.61
CA GLY B 97 7.72 16.03 1.71
C GLY B 97 6.98 17.20 1.08
N ILE B 98 5.67 17.04 0.87
CA ILE B 98 4.87 18.12 0.28
C ILE B 98 4.88 19.34 1.18
N PHE B 99 4.60 19.14 2.47
CA PHE B 99 4.58 20.24 3.42
C PHE B 99 5.97 20.78 3.72
N ALA B 100 6.99 19.92 3.68
CA ALA B 100 8.36 20.41 3.85
C ALA B 100 8.73 21.36 2.72
N THR B 101 8.32 21.06 1.49
CA THR B 101 8.56 21.97 0.38
C THR B 101 7.76 23.25 0.52
N ALA B 102 6.52 23.15 0.97
CA ALA B 102 5.70 24.35 1.19
C ALA B 102 6.35 25.30 2.17
N ALA B 103 6.99 24.76 3.21
CA ALA B 103 7.67 25.60 4.19
C ALA B 103 8.88 26.29 3.59
N LEU B 104 9.67 25.56 2.81
CA LEU B 104 10.87 26.13 2.20
C LEU B 104 10.53 27.25 1.23
N GLU B 105 9.37 27.15 0.57
CA GLU B 105 8.96 28.20 -0.36
C GLU B 105 8.68 29.52 0.37
N ARG B 106 8.04 29.45 1.54
CA ARG B 106 7.53 30.63 2.23
C ARG B 106 8.44 31.17 3.33
N ASP B 107 9.59 30.55 3.57
CA ASP B 107 10.49 30.99 4.64
C ASP B 107 11.93 30.89 4.17
N PRO B 108 12.49 31.98 3.63
CA PRO B 108 13.90 31.95 3.22
C PRO B 108 14.88 31.78 4.36
N GLN B 109 14.45 32.00 5.62
CA GLN B 109 15.35 31.78 6.75
C GLN B 109 15.68 30.31 6.97
N LEU B 110 14.80 29.40 6.54
CA LEU B 110 15.12 27.99 6.63
C LEU B 110 16.34 27.68 5.79
N LEU B 111 17.26 26.89 6.34
CA LEU B 111 18.53 26.64 5.66
C LEU B 111 18.36 25.69 4.48
N GLY B 112 17.46 24.73 4.58
CA GLY B 112 17.25 23.81 3.48
C GLY B 112 16.32 22.68 3.86
N GLY B 113 16.48 21.56 3.18
CA GLY B 113 15.64 20.40 3.41
C GLY B 113 15.28 19.70 2.13
N GLY B 114 14.12 19.06 2.09
CA GLY B 114 13.77 18.39 0.84
C GLY B 114 12.76 17.29 1.06
N THR B 115 12.78 16.32 0.15
CA THR B 115 11.74 15.31 0.06
C THR B 115 12.36 13.91 -0.01
N PHE B 116 11.63 12.95 0.54
CA PHE B 116 11.99 11.53 0.49
C PHE B 116 10.85 10.78 -0.18
N SER B 117 11.03 10.40 -1.45
CA SER B 117 10.01 9.70 -2.22
C SER B 117 8.68 10.45 -2.14
N SER B 118 8.74 11.75 -2.39
CA SER B 118 7.51 12.52 -2.18
C SER B 118 6.83 12.76 -3.51
N PRO B 119 5.55 12.48 -3.61
CA PRO B 119 4.84 12.72 -4.87
C PRO B 119 4.27 14.13 -4.99
N LEU B 120 5.01 15.02 -5.66
CA LEU B 120 4.50 16.36 -5.89
C LEU B 120 3.77 16.44 -7.23
N PHE B 121 3.71 15.33 -7.96
CA PHE B 121 3.00 15.22 -9.22
C PHE B 121 2.27 13.87 -9.21
N ALA B 122 1.02 13.86 -9.68
CA ALA B 122 0.23 12.63 -9.64
C ALA B 122 0.92 11.51 -10.40
N GLY B 123 1.40 11.80 -11.61
CA GLY B 123 2.10 10.82 -12.41
C GLY B 123 1.27 9.60 -12.77
N SER B 126 -0.34 4.82 -9.49
CA SER B 126 -0.54 5.22 -8.09
C SER B 126 -1.41 4.25 -7.31
N ASP B 127 -0.78 3.49 -6.41
CA ASP B 127 -1.49 2.61 -5.48
C ASP B 127 -1.54 3.18 -4.06
N VAL B 128 -1.49 4.51 -3.91
CA VAL B 128 -1.43 5.10 -2.58
C VAL B 128 -2.74 4.92 -1.82
N ALA B 129 -3.88 4.99 -2.52
CA ALA B 129 -5.16 4.85 -1.85
C ALA B 129 -5.33 3.45 -1.27
N GLU B 130 -4.90 2.44 -2.02
CA GLU B 130 -5.01 1.06 -1.56
C GLU B 130 -4.08 0.79 -0.40
N MET B 131 -2.93 1.46 -0.37
CA MET B 131 -1.99 1.33 0.75
C MET B 131 -2.65 1.76 2.06
N PHE B 132 -3.35 2.90 2.03
CA PHE B 132 -4.03 3.38 3.22
C PHE B 132 -5.14 2.43 3.66
N ILE B 133 -5.90 1.91 2.70
CA ILE B 133 -7.02 1.03 3.01
C ILE B 133 -6.53 -0.26 3.65
N THR B 134 -5.48 -0.86 3.08
CA THR B 134 -4.93 -2.08 3.65
C THR B 134 -4.42 -1.83 5.08
N LEU B 135 -3.76 -0.69 5.30
CA LEU B 135 -3.29 -0.34 6.63
C LEU B 135 -4.44 -0.17 7.60
N SER B 136 -5.47 0.57 7.19
CA SER B 136 -6.62 0.82 8.05
C SER B 136 -7.30 -0.49 8.42
N HIS B 137 -7.45 -1.39 7.44
CA HIS B 137 -7.99 -2.72 7.73
C HIS B 137 -7.18 -3.40 8.82
N HIS B 138 -5.85 -3.25 8.79
CA HIS B 138 -5.01 -3.84 9.82
C HIS B 138 -5.21 -3.17 11.18
N GLN B 139 -5.34 -1.84 11.21
CA GLN B 139 -5.62 -1.18 12.49
C GLN B 139 -6.95 -1.65 13.06
N LEU B 140 -7.98 -1.68 12.23
CA LEU B 140 -9.31 -2.05 12.70
C LEU B 140 -9.36 -3.50 13.12
N ALA B 141 -8.55 -4.36 12.48
CA ALA B 141 -8.53 -5.78 12.86
C ALA B 141 -8.03 -6.00 14.27
N HIS B 142 -7.15 -5.10 14.76
CA HIS B 142 -6.63 -5.16 16.11
C HIS B 142 -7.22 -4.09 17.01
N SER B 143 -8.26 -3.40 16.54
CA SER B 143 -8.84 -2.25 17.23
C SER B 143 -9.70 -2.69 18.42
N GLN B 144 -10.16 -1.70 19.17
CA GLN B 144 -11.12 -1.94 20.25
C GLN B 144 -12.54 -2.14 19.74
N PHE B 145 -12.81 -1.75 18.49
CA PHE B 145 -14.18 -1.76 17.98
C PHE B 145 -14.69 -3.20 17.78
N SER B 146 -16.00 -3.32 17.79
CA SER B 146 -16.66 -4.60 17.58
C SER B 146 -16.59 -5.00 16.11
N ILE B 147 -16.90 -6.28 15.87
CA ILE B 147 -16.89 -6.81 14.50
C ILE B 147 -17.86 -6.01 13.62
N ALA B 148 -19.01 -5.66 14.16
CA ALA B 148 -19.98 -4.87 13.41
C ALA B 148 -19.45 -3.46 13.13
N GLU B 149 -18.84 -2.80 14.12
CA GLU B 149 -18.32 -1.46 13.88
C GLU B 149 -17.20 -1.46 12.87
N ARG B 150 -16.31 -2.45 12.93
CA ARG B 150 -15.22 -2.53 11.97
C ARG B 150 -15.74 -2.58 10.54
N GLU B 151 -16.82 -3.34 10.32
CA GLU B 151 -17.42 -3.42 9.00
C GLU B 151 -18.02 -2.08 8.58
N GLN B 152 -18.67 -1.38 9.51
CA GLN B 152 -19.22 -0.07 9.18
C GLN B 152 -18.13 0.92 8.79
N ILE B 153 -17.02 0.91 9.51
CA ILE B 153 -15.91 1.81 9.20
C ILE B 153 -15.29 1.44 7.87
N LEU B 154 -14.99 0.15 7.65
CA LEU B 154 -14.28 -0.27 6.46
C LEU B 154 -15.09 0.03 5.20
N MET B 155 -16.42 0.00 5.30
CA MET B 155 -17.27 0.24 4.12
C MET B 155 -17.30 1.70 3.70
N THR B 156 -16.84 2.62 4.57
CA THR B 156 -16.76 4.03 4.21
C THR B 156 -15.35 4.44 3.78
N LEU B 157 -14.35 3.58 3.99
CA LEU B 157 -12.98 4.00 3.72
C LEU B 157 -12.74 4.32 2.25
N PRO B 158 -13.06 3.45 1.28
CA PRO B 158 -12.65 3.72 -0.11
C PRO B 158 -13.06 5.08 -0.65
N GLU B 159 -14.28 5.54 -0.39
CA GLU B 159 -14.70 6.84 -0.90
C GLU B 159 -14.01 7.98 -0.16
N LEU B 160 -13.90 7.88 1.16
CA LEU B 160 -13.30 8.97 1.93
C LEU B 160 -11.82 9.14 1.63
N VAL B 161 -11.11 8.05 1.39
CA VAL B 161 -9.68 8.17 1.05
C VAL B 161 -9.51 8.85 -0.30
N GLN B 162 -10.40 8.54 -1.25
CA GLN B 162 -10.32 9.17 -2.55
C GLN B 162 -10.56 10.67 -2.43
N ARG B 163 -11.49 11.07 -1.55
CA ARG B 163 -11.76 12.48 -1.32
C ARG B 163 -10.57 13.17 -0.66
N GLN B 164 -10.00 12.56 0.37
CA GLN B 164 -8.89 13.18 1.07
C GLN B 164 -7.68 13.32 0.16
N LEU B 165 -7.35 12.26 -0.57
CA LEU B 165 -6.25 12.34 -1.53
C LEU B 165 -6.55 13.37 -2.61
N GLN B 166 -7.83 13.56 -2.96
CA GLN B 166 -8.21 14.61 -3.87
C GLN B 166 -7.93 15.99 -3.27
N ALA B 167 -8.28 16.19 -2.00
CA ALA B 167 -7.97 17.44 -1.33
C ALA B 167 -6.47 17.63 -1.17
N VAL B 168 -5.74 16.55 -0.86
CA VAL B 168 -4.28 16.62 -0.82
C VAL B 168 -3.72 17.01 -2.19
N ASN B 169 -4.32 16.48 -3.26
CA ASN B 169 -3.85 16.80 -4.60
C ASN B 169 -4.08 18.27 -4.93
N THR B 170 -5.27 18.79 -4.61
CA THR B 170 -5.56 20.19 -4.91
C THR B 170 -4.66 21.12 -4.10
N PHE B 171 -4.40 20.77 -2.84
CA PHE B 171 -3.49 21.57 -2.03
C PHE B 171 -2.08 21.58 -2.62
N THR B 172 -1.59 20.41 -3.05
CA THR B 172 -0.24 20.33 -3.59
C THR B 172 -0.12 21.14 -4.87
N THR B 173 -1.10 21.03 -5.76
CA THR B 173 -1.03 21.70 -7.05
C THR B 173 -1.10 23.22 -6.88
N THR B 174 -2.05 23.70 -6.08
CA THR B 174 -2.29 25.14 -5.98
C THR B 174 -1.33 25.82 -5.01
N GLU B 175 -0.90 25.14 -3.94
CA GLU B 175 -0.13 25.80 -2.88
C GLU B 175 1.35 25.47 -2.84
N VAL B 176 1.77 24.32 -3.37
CA VAL B 176 3.17 23.90 -3.24
C VAL B 176 3.79 23.76 -4.62
N THR B 177 3.19 22.92 -5.47
CA THR B 177 3.74 22.71 -6.80
C THR B 177 3.74 24.00 -7.61
N SER B 178 2.71 24.83 -7.43
CA SER B 178 2.61 26.09 -8.17
C SER B 178 3.70 27.10 -7.78
N HIS B 179 4.32 26.97 -6.62
CA HIS B 179 5.30 27.94 -6.13
C HIS B 179 6.71 27.37 -6.00
N LEU B 180 7.03 26.32 -6.77
CA LEU B 180 8.37 25.72 -6.66
C LEU B 180 9.47 26.74 -6.95
N SER B 181 9.20 27.72 -7.82
CA SER B 181 10.19 28.75 -8.09
C SER B 181 10.49 29.63 -6.89
N ALA B 182 9.63 29.62 -5.86
CA ALA B 182 9.87 30.43 -4.67
C ALA B 182 10.93 29.85 -3.75
N VAL B 183 11.33 28.58 -3.95
CA VAL B 183 12.39 28.00 -3.13
C VAL B 183 13.70 28.76 -3.36
N THR B 184 14.39 29.06 -2.26
CA THR B 184 15.66 29.79 -2.33
C THR B 184 16.85 28.99 -1.81
N GLN B 185 16.63 27.78 -1.31
CA GLN B 185 17.68 27.03 -0.63
C GLN B 185 18.11 25.82 -1.46
N PRO B 186 19.31 25.30 -1.23
CA PRO B 186 19.66 23.99 -1.79
C PRO B 186 18.62 22.95 -1.37
N PHE B 187 18.17 22.16 -2.34
CA PHE B 187 17.02 21.29 -2.17
C PHE B 187 17.44 19.84 -2.36
N PHE B 188 17.07 18.98 -1.42
CA PHE B 188 17.43 17.57 -1.45
C PHE B 188 16.25 16.74 -1.95
N ILE B 189 16.51 15.84 -2.89
CA ILE B 189 15.47 14.96 -3.42
C ILE B 189 15.96 13.52 -3.34
N GLY B 190 15.20 12.67 -2.66
CA GLY B 190 15.48 11.24 -2.63
C GLY B 190 14.29 10.46 -3.12
N GLN B 191 14.58 9.43 -3.92
CA GLN B 191 13.54 8.60 -4.52
C GLN B 191 14.09 7.20 -4.70
N GLY B 192 13.29 6.18 -4.38
CA GLY B 192 13.71 4.82 -4.60
C GLY B 192 13.35 4.41 -6.02
N GLY B 193 14.25 3.67 -6.66
CA GLY B 193 14.06 3.29 -8.04
C GLY B 193 12.99 2.23 -8.24
N GLN B 194 12.80 1.36 -7.26
CA GLN B 194 11.83 0.28 -7.33
C GLN B 194 10.49 0.67 -6.72
N ASP B 195 10.22 1.97 -6.58
CA ASP B 195 9.04 2.45 -5.87
C ASP B 195 7.76 1.88 -6.48
N GLU B 196 7.07 1.08 -5.68
CA GLU B 196 5.79 0.47 -6.06
C GLU B 196 4.64 1.43 -5.85
N LEU B 197 4.69 2.21 -4.78
CA LEU B 197 3.55 3.03 -4.37
C LEU B 197 3.29 4.17 -5.34
N ILE B 198 4.34 4.89 -5.75
CA ILE B 198 4.19 6.10 -6.54
C ILE B 198 5.05 6.01 -7.81
N ASP B 199 4.76 6.89 -8.76
CA ASP B 199 5.53 6.96 -10.00
C ASP B 199 6.92 7.50 -9.69
N ALA B 200 7.94 6.66 -9.89
CA ALA B 200 9.30 7.03 -9.50
C ALA B 200 9.83 8.23 -10.26
N THR B 201 9.41 8.41 -11.51
CA THR B 201 9.88 9.52 -12.34
C THR B 201 9.38 10.87 -11.87
N VAL B 202 8.37 10.89 -10.99
CA VAL B 202 7.83 12.14 -10.45
C VAL B 202 8.92 12.94 -9.73
N ALA B 203 9.91 12.26 -9.15
CA ALA B 203 11.00 12.99 -8.50
C ALA B 203 11.82 13.77 -9.53
N ARG B 204 12.02 13.20 -10.72
CA ARG B 204 12.75 13.94 -11.76
C ARG B 204 11.98 15.17 -12.21
N GLN B 205 10.65 15.09 -12.23
CA GLN B 205 9.84 16.26 -12.57
C GLN B 205 10.03 17.37 -11.55
N LEU B 206 10.14 17.00 -10.27
CA LEU B 206 10.43 17.99 -9.23
C LEU B 206 11.80 18.60 -9.40
N ARG B 207 12.80 17.77 -9.77
CA ARG B 207 14.15 18.28 -9.98
C ARG B 207 14.19 19.30 -11.12
N ASP B 208 13.52 19.00 -12.23
CA ASP B 208 13.51 19.91 -13.36
C ASP B 208 12.70 21.18 -13.09
N GLN B 209 11.86 21.17 -12.05
CA GLN B 209 11.10 22.35 -11.67
C GLN B 209 11.82 23.20 -10.64
N LEU B 210 13.08 22.92 -10.37
CA LEU B 210 13.88 23.70 -9.42
C LEU B 210 15.18 24.18 -10.06
N PRO B 211 15.10 24.97 -11.14
CA PRO B 211 16.34 25.46 -11.76
C PRO B 211 16.99 26.60 -11.00
N GLN B 212 16.23 27.33 -10.19
CA GLN B 212 16.77 28.47 -9.46
C GLN B 212 17.75 28.06 -8.36
N VAL B 213 17.68 26.81 -7.88
CA VAL B 213 18.44 26.41 -6.71
C VAL B 213 19.23 25.15 -7.03
N PRO B 214 20.37 24.91 -6.38
CA PRO B 214 21.06 23.64 -6.58
C PRO B 214 20.27 22.51 -5.95
N VAL B 215 20.16 21.41 -6.69
CA VAL B 215 19.35 20.27 -6.27
C VAL B 215 20.29 19.11 -6.01
N ASP B 216 20.22 18.55 -4.80
CA ASP B 216 20.99 17.36 -4.44
C ASP B 216 20.05 16.17 -4.66
N PHE B 217 20.14 15.58 -5.84
CA PHE B 217 19.20 14.56 -6.29
C PHE B 217 19.84 13.20 -6.11
N HIS B 218 19.06 12.25 -5.61
CA HIS B 218 19.58 10.91 -5.39
C HIS B 218 18.53 9.86 -5.75
N TRP B 219 18.98 8.84 -6.49
CA TRP B 219 18.19 7.68 -6.84
C TRP B 219 18.65 6.53 -5.96
N TYR B 220 17.71 5.87 -5.30
CA TYR B 220 18.01 4.65 -4.57
C TYR B 220 17.40 3.55 -5.44
N ALA B 221 18.20 3.12 -6.42
CA ALA B 221 17.70 2.33 -7.54
C ALA B 221 17.18 0.97 -7.10
N ASP B 222 17.77 0.40 -6.05
CA ASP B 222 17.43 -0.92 -5.57
C ASP B 222 16.32 -0.92 -4.53
N ALA B 223 15.71 0.23 -4.25
CA ALA B 223 14.82 0.34 -3.09
C ALA B 223 13.40 0.71 -3.46
N GLY B 224 12.48 0.33 -2.57
CA GLY B 224 11.08 0.70 -2.65
C GLY B 224 10.84 2.11 -2.12
N HIS B 225 9.56 2.40 -1.89
CA HIS B 225 9.14 3.77 -1.62
C HIS B 225 9.71 4.31 -0.30
N VAL B 226 9.58 3.54 0.78
CA VAL B 226 9.93 4.06 2.10
C VAL B 226 11.45 4.01 2.29
N ILE B 227 12.16 4.92 1.63
CA ILE B 227 13.62 4.92 1.68
C ILE B 227 14.15 5.26 3.07
N THR B 228 13.30 5.72 3.98
CA THR B 228 13.76 6.04 5.32
C THR B 228 13.94 4.80 6.19
N VAL B 229 13.30 3.67 5.86
CA VAL B 229 13.42 2.47 6.68
C VAL B 229 13.83 1.25 5.87
N ASN B 230 13.74 1.31 4.55
CA ASN B 230 14.01 0.12 3.74
C ASN B 230 15.51 0.01 3.48
N SER B 231 15.92 -0.79 2.49
CA SER B 231 17.32 -1.06 2.24
C SER B 231 18.12 0.16 1.82
N ALA B 232 17.47 1.24 1.41
CA ALA B 232 18.19 2.45 1.03
C ALA B 232 18.53 3.35 2.20
N HIS B 233 18.00 3.07 3.40
CA HIS B 233 18.04 4.05 4.48
C HIS B 233 19.47 4.36 4.91
N HIS B 234 20.36 3.36 4.88
CA HIS B 234 21.75 3.62 5.21
C HIS B 234 22.38 4.57 4.21
N GLN B 235 22.16 4.34 2.92
CA GLN B 235 22.69 5.27 1.92
C GLN B 235 22.00 6.62 2.01
N LEU B 236 20.69 6.62 2.26
CA LEU B 236 19.98 7.88 2.42
C LEU B 236 20.54 8.69 3.57
N GLU B 237 20.81 8.03 4.69
CA GLU B 237 21.34 8.72 5.86
C GLU B 237 22.67 9.38 5.56
N GLN B 238 23.55 8.69 4.82
CA GLN B 238 24.82 9.28 4.43
C GLN B 238 24.61 10.43 3.46
N ASP B 239 23.62 10.32 2.57
CA ASP B 239 23.41 11.36 1.58
C ASP B 239 22.91 12.67 2.20
N VAL B 240 21.92 12.61 3.10
CA VAL B 240 21.45 13.84 3.74
C VAL B 240 22.54 14.38 4.66
N LEU B 241 23.33 13.49 5.28
CA LEU B 241 24.43 13.93 6.12
C LEU B 241 25.42 14.76 5.33
N THR B 242 25.75 14.33 4.11
CA THR B 242 26.64 15.10 3.26
C THR B 242 25.98 16.41 2.82
N TYR B 243 24.68 16.38 2.53
CA TYR B 243 23.97 17.59 2.14
C TYR B 243 23.89 18.58 3.28
N LEU B 244 23.56 18.11 4.49
CA LEU B 244 23.41 19.00 5.63
C LEU B 244 24.71 19.72 5.97
N LYS B 245 25.86 19.07 5.76
CA LYS B 245 27.13 19.72 6.05
C LYS B 245 27.35 20.94 5.16
N THR B 246 26.82 20.94 3.94
CA THR B 246 26.99 22.07 3.05
C THR B 246 26.16 23.29 3.50
N ILE B 247 24.90 23.06 3.88
CA ILE B 247 24.00 24.16 4.20
C ILE B 247 24.20 24.66 5.62
#